data_4LPH
#
_entry.id   4LPH
#
_cell.length_a   111.120
_cell.length_b   111.120
_cell.length_c   77.190
_cell.angle_alpha   90.00
_cell.angle_beta   90.00
_cell.angle_gamma   90.00
#
_symmetry.space_group_name_H-M   'P 41 21 2'
#
loop_
_entity.id
_entity.type
_entity.pdbx_description
1 polymer 'Farnesyl pyrophosphate synthase'
2 non-polymer 'PHOSPHATE ION'
3 non-polymer '({[6-(4-methylphenyl)thieno[2,3-d]pyrimidin-4-yl]amino}methyl)phosphonic acid'
4 water water
#
_entity_poly.entity_id   1
_entity_poly.type   'polypeptide(L)'
_entity_poly.pdbx_seq_one_letter_code
;MGSSHHHHHHSSGRENLYFQGHMNGDQNSDVYAQEKQDFVQHFSQIVRVLTEDEMGHPEIGDAIARLKEVLEYNAIGGKY
NRGLTVVVAFRELVEPRKQDADSLQRAWTVGWCVELLQAFFLVADDIMDSSLTRRGQICWYQKPGVGLDAINDANLLEAC
IYRLLKLYCREQPYYLNLIELFLQSSYQTEIGQTLDLLTAPQGNVDLVRFTEKRYKSIVKYKTAFYSFYLPIAAAMYMAG
IDGEKEHANAKKILLEMGEFFQIQDDYLDLFGDPSVTGKIGTDIQDNKCSWLVVQCLQRATPEQYQILKENYGQKEAEKV
ARVKALYEELDLPAVFLQYEEDSYSHIMALIEQYAAPLPPAVFLGLARKIYKRRK
;
_entity_poly.pdbx_strand_id   F
#
# COMPACT_ATOMS: atom_id res chain seq x y z
N ASP A 30 -3.40 1.41 -20.73
CA ASP A 30 -3.39 0.47 -19.56
C ASP A 30 -4.67 -0.40 -19.50
N VAL A 31 -4.50 -1.70 -19.21
CA VAL A 31 -5.64 -2.56 -18.80
C VAL A 31 -6.34 -1.97 -17.54
N TYR A 32 -5.63 -1.07 -16.86
CA TYR A 32 -6.14 -0.30 -15.72
C TYR A 32 -7.03 0.89 -16.16
N ALA A 33 -6.56 1.75 -17.08
CA ALA A 33 -7.35 2.93 -17.55
C ALA A 33 -8.69 2.52 -18.22
N GLN A 34 -8.70 1.34 -18.85
CA GLN A 34 -9.92 0.71 -19.38
C GLN A 34 -11.00 0.40 -18.30
N GLU A 35 -10.61 -0.12 -17.14
CA GLU A 35 -11.59 -0.48 -16.10
C GLU A 35 -11.74 0.61 -15.06
N LYS A 36 -10.90 1.64 -15.13
CA LYS A 36 -10.85 2.66 -14.09
C LYS A 36 -12.16 3.43 -13.88
N GLN A 37 -12.61 4.16 -14.89
CA GLN A 37 -13.93 4.80 -14.92
C GLN A 37 -15.02 4.03 -14.16
N ASP A 38 -15.22 2.76 -14.55
CA ASP A 38 -16.26 1.91 -13.95
C ASP A 38 -15.99 1.66 -12.44
N PHE A 39 -14.70 1.67 -12.04
CA PHE A 39 -14.27 1.48 -10.64
C PHE A 39 -14.66 2.71 -9.84
N VAL A 40 -14.23 3.88 -10.28
CA VAL A 40 -14.57 5.11 -9.58
C VAL A 40 -16.08 5.39 -9.55
N GLN A 41 -16.77 5.01 -10.59
CA GLN A 41 -18.21 5.28 -10.64
C GLN A 41 -18.96 4.39 -9.64
N HIS A 42 -18.41 3.21 -9.32
CA HIS A 42 -19.09 2.27 -8.42
C HIS A 42 -19.02 2.81 -6.98
N PHE A 43 -18.13 3.76 -6.75
CA PHE A 43 -17.97 4.30 -5.44
C PHE A 43 -19.30 4.93 -4.99
N SER A 44 -20.04 5.54 -5.87
CA SER A 44 -21.31 6.18 -5.44
C SER A 44 -22.29 5.22 -4.82
N GLN A 45 -22.29 4.00 -5.37
CA GLN A 45 -23.11 2.90 -4.90
C GLN A 45 -22.56 2.30 -3.60
N ILE A 46 -21.24 2.15 -3.51
CA ILE A 46 -20.58 1.71 -2.25
C ILE A 46 -21.06 2.58 -1.12
N VAL A 47 -20.98 3.89 -1.31
CA VAL A 47 -21.45 4.84 -0.31
C VAL A 47 -22.95 4.82 -0.04
N ARG A 48 -23.77 4.72 -1.08
CA ARG A 48 -25.23 4.76 -0.89
C ARG A 48 -25.55 3.63 0.11
N VAL A 49 -25.08 2.45 -0.25
CA VAL A 49 -25.30 1.23 0.47
C VAL A 49 -24.75 1.23 1.89
N LEU A 50 -23.73 2.01 2.17
CA LEU A 50 -23.15 2.03 3.50
C LEU A 50 -23.79 3.06 4.37
N THR A 51 -24.73 3.80 3.75
CA THR A 51 -25.52 4.84 4.41
C THR A 51 -27.04 4.61 4.26
N GLU A 52 -27.45 3.77 3.32
CA GLU A 52 -28.86 3.56 3.05
C GLU A 52 -29.38 2.35 3.82
N ASP A 53 -28.62 1.26 3.79
CA ASP A 53 -28.94 0.05 4.58
C ASP A 53 -29.42 0.35 6.02
N GLU A 54 -28.97 1.48 6.60
CA GLU A 54 -29.42 1.93 7.94
C GLU A 54 -30.50 3.05 7.88
N MET A 55 -31.38 3.01 6.89
CA MET A 55 -32.44 4.01 6.79
C MET A 55 -33.58 3.66 7.79
N GLY A 56 -33.56 2.43 8.32
CA GLY A 56 -34.49 2.01 9.38
C GLY A 56 -34.21 2.61 10.76
N HIS A 57 -33.02 3.21 10.91
CA HIS A 57 -32.57 3.78 12.19
C HIS A 57 -32.43 5.33 12.18
N PRO A 58 -33.57 6.07 12.16
CA PRO A 58 -33.42 7.55 12.15
C PRO A 58 -32.40 8.03 13.21
N GLU A 59 -32.45 7.43 14.39
CA GLU A 59 -31.59 7.76 15.52
C GLU A 59 -30.08 8.07 15.21
N ILE A 60 -29.41 7.24 14.40
CA ILE A 60 -27.98 7.42 14.12
C ILE A 60 -27.62 8.18 12.81
N GLY A 61 -28.53 8.96 12.25
CA GLY A 61 -28.33 9.62 10.94
C GLY A 61 -27.13 10.56 10.90
N ASP A 62 -26.95 11.34 11.97
CA ASP A 62 -25.78 12.19 12.14
C ASP A 62 -24.38 11.44 12.14
N ALA A 63 -24.31 10.25 12.73
CA ALA A 63 -23.11 9.45 12.62
C ALA A 63 -22.93 8.95 11.19
N ILE A 64 -24.02 8.55 10.56
CA ILE A 64 -23.90 8.04 9.20
C ILE A 64 -23.52 9.15 8.19
N ALA A 65 -24.03 10.35 8.35
CA ALA A 65 -23.51 11.51 7.62
C ALA A 65 -21.99 11.72 7.86
N ARG A 66 -21.55 11.63 9.10
CA ARG A 66 -20.14 11.81 9.32
C ARG A 66 -19.37 10.74 8.56
N LEU A 67 -19.89 9.53 8.60
CA LEU A 67 -19.24 8.43 7.92
C LEU A 67 -19.06 8.65 6.42
N LYS A 68 -20.08 9.20 5.84
CA LYS A 68 -20.07 9.51 4.43
C LYS A 68 -18.95 10.50 4.08
N GLU A 69 -18.91 11.62 4.79
CA GLU A 69 -17.85 12.64 4.70
C GLU A 69 -16.45 11.99 4.85
N VAL A 70 -16.31 11.08 5.80
CA VAL A 70 -15.05 10.39 6.03
C VAL A 70 -14.70 9.50 4.81
N LEU A 71 -15.71 8.87 4.22
CA LEU A 71 -15.44 7.99 3.10
C LEU A 71 -15.02 8.85 1.89
N GLU A 72 -15.78 9.90 1.65
CA GLU A 72 -15.58 10.76 0.52
C GLU A 72 -14.25 11.50 0.54
N TYR A 73 -13.80 11.91 1.71
CA TYR A 73 -12.56 12.65 1.80
C TYR A 73 -11.34 11.70 1.70
N ASN A 74 -11.43 10.51 2.25
CA ASN A 74 -10.27 9.68 2.39
C ASN A 74 -10.20 8.49 1.45
N ALA A 75 -11.30 8.05 0.87
CA ALA A 75 -11.18 6.91 -0.05
C ALA A 75 -11.06 7.36 -1.51
N ILE A 76 -11.26 8.65 -1.74
CA ILE A 76 -11.17 9.21 -3.04
C ILE A 76 -9.94 10.09 -3.15
N GLY A 77 -9.34 10.10 -4.33
CA GLY A 77 -8.26 11.03 -4.66
C GLY A 77 -6.94 10.36 -5.11
N GLY A 78 -6.77 9.06 -4.83
CA GLY A 78 -5.54 8.36 -5.20
C GLY A 78 -5.69 7.81 -6.58
N LYS A 79 -4.82 6.89 -6.99
CA LYS A 79 -4.87 6.26 -8.29
C LYS A 79 -5.67 4.94 -8.30
N TYR A 80 -5.95 4.38 -7.15
CA TYR A 80 -6.73 3.16 -7.01
C TYR A 80 -6.02 1.94 -7.55
N ASN A 81 -4.69 1.94 -7.55
CA ASN A 81 -3.96 0.82 -8.13
C ASN A 81 -4.29 -0.55 -7.45
N ARG A 82 -4.44 -0.55 -6.15
CA ARG A 82 -4.64 -1.80 -5.43
C ARG A 82 -6.03 -2.34 -5.68
N GLY A 83 -7.02 -1.47 -5.70
CA GLY A 83 -8.43 -1.89 -5.85
C GLY A 83 -8.70 -2.34 -7.26
N LEU A 84 -8.18 -1.57 -8.18
CA LEU A 84 -8.22 -1.95 -9.57
C LEU A 84 -7.53 -3.30 -9.88
N THR A 85 -6.48 -3.61 -9.16
CA THR A 85 -5.80 -4.90 -9.38
C THR A 85 -6.74 -6.03 -9.10
N VAL A 86 -7.58 -5.90 -8.06
CA VAL A 86 -8.62 -6.92 -7.82
C VAL A 86 -9.47 -7.15 -9.04
N VAL A 87 -9.86 -6.08 -9.68
CA VAL A 87 -10.81 -6.20 -10.80
C VAL A 87 -10.13 -6.83 -12.00
N VAL A 88 -8.91 -6.38 -12.28
CA VAL A 88 -8.20 -6.82 -13.51
C VAL A 88 -7.94 -8.31 -13.32
N ALA A 89 -7.44 -8.68 -12.13
CA ALA A 89 -7.08 -10.07 -11.84
C ALA A 89 -8.31 -10.97 -11.88
N PHE A 90 -9.42 -10.52 -11.32
CA PHE A 90 -10.62 -11.31 -11.41
C PHE A 90 -10.95 -11.60 -12.86
N ARG A 91 -10.89 -10.60 -13.74
CA ARG A 91 -11.16 -10.81 -15.15
C ARG A 91 -10.22 -11.83 -15.77
N GLU A 92 -8.96 -11.87 -15.37
CA GLU A 92 -8.02 -12.79 -16.00
C GLU A 92 -8.11 -14.21 -15.40
N LEU A 93 -8.82 -14.38 -14.29
CA LEU A 93 -8.77 -15.63 -13.53
C LEU A 93 -10.02 -16.48 -13.69
N VAL A 94 -11.13 -15.80 -13.93
CA VAL A 94 -12.42 -16.41 -14.06
C VAL A 94 -12.76 -16.73 -15.52
N GLU A 95 -13.36 -17.89 -15.75
CA GLU A 95 -13.91 -18.20 -17.09
C GLU A 95 -15.02 -17.17 -17.40
N PRO A 96 -15.00 -16.59 -18.62
CA PRO A 96 -15.85 -15.41 -18.90
C PRO A 96 -17.35 -15.66 -18.90
N ARG A 97 -17.76 -16.92 -18.92
CA ARG A 97 -19.18 -17.27 -18.79
C ARG A 97 -19.63 -17.09 -17.33
N LYS A 98 -18.71 -17.07 -16.37
CA LYS A 98 -19.05 -16.79 -14.95
C LYS A 98 -18.81 -15.32 -14.55
N GLN A 99 -18.58 -14.44 -15.53
CA GLN A 99 -18.53 -13.01 -15.25
C GLN A 99 -19.88 -12.40 -15.63
N ASP A 100 -20.87 -12.75 -14.84
CA ASP A 100 -22.20 -12.12 -14.88
C ASP A 100 -22.16 -10.76 -14.16
N ALA A 101 -23.21 -9.94 -14.34
CA ALA A 101 -23.22 -8.57 -13.82
C ALA A 101 -22.93 -8.54 -12.33
N ASP A 102 -23.56 -9.46 -11.60
CA ASP A 102 -23.39 -9.54 -10.16
C ASP A 102 -22.00 -9.99 -9.69
N SER A 103 -21.29 -10.75 -10.52
CA SER A 103 -19.95 -11.21 -10.21
C SER A 103 -19.00 -10.04 -10.25
N LEU A 104 -19.20 -9.20 -11.26
CA LEU A 104 -18.40 -8.00 -11.46
C LEU A 104 -18.62 -6.97 -10.39
N GLN A 105 -19.88 -6.81 -10.01
CA GLN A 105 -20.24 -5.93 -8.92
C GLN A 105 -19.50 -6.33 -7.63
N ARG A 106 -19.42 -7.62 -7.36
CA ARG A 106 -18.66 -8.11 -6.21
C ARG A 106 -17.16 -7.85 -6.38
N ALA A 107 -16.63 -7.95 -7.60
CA ALA A 107 -15.21 -7.63 -7.82
C ALA A 107 -14.95 -6.15 -7.58
N TRP A 108 -15.81 -5.28 -8.11
CA TRP A 108 -15.70 -3.82 -7.89
C TRP A 108 -15.78 -3.55 -6.38
N THR A 109 -16.72 -4.23 -5.73
CA THR A 109 -16.90 -3.99 -4.30
C THR A 109 -15.66 -4.44 -3.53
N VAL A 110 -15.13 -5.61 -3.86
CA VAL A 110 -13.94 -6.06 -3.13
C VAL A 110 -12.69 -5.21 -3.39
N GLY A 111 -12.56 -4.73 -4.64
CA GLY A 111 -11.55 -3.70 -4.97
C GLY A 111 -11.72 -2.44 -4.07
N TRP A 112 -12.93 -1.98 -3.90
CA TRP A 112 -13.10 -0.85 -3.03
C TRP A 112 -12.76 -1.25 -1.57
N CYS A 113 -13.02 -2.51 -1.19
CA CYS A 113 -12.60 -2.94 0.17
C CYS A 113 -11.12 -2.78 0.37
N VAL A 114 -10.33 -3.14 -0.63
CA VAL A 114 -8.89 -2.99 -0.54
C VAL A 114 -8.57 -1.50 -0.44
N GLU A 115 -9.29 -0.66 -1.17
CA GLU A 115 -9.01 0.78 -1.02
C GLU A 115 -9.40 1.33 0.30
N LEU A 116 -10.45 0.81 0.91
CA LEU A 116 -10.80 1.27 2.28
C LEU A 116 -9.80 0.79 3.36
N LEU A 117 -9.31 -0.39 3.21
CA LEU A 117 -8.23 -0.88 4.08
C LEU A 117 -7.07 0.07 4.02
N GLN A 118 -6.68 0.44 2.82
CA GLN A 118 -5.65 1.45 2.69
C GLN A 118 -6.01 2.82 3.32
N ALA A 119 -7.20 3.32 3.08
CA ALA A 119 -7.65 4.59 3.66
C ALA A 119 -7.66 4.58 5.20
N PHE A 120 -8.09 3.48 5.80
CA PHE A 120 -7.89 3.26 7.26
C PHE A 120 -6.41 3.39 7.66
N PHE A 121 -5.49 2.74 6.94
CA PHE A 121 -4.09 2.79 7.34
C PHE A 121 -3.53 4.20 7.25
N LEU A 122 -3.88 4.92 6.20
CA LEU A 122 -3.25 6.24 5.96
C LEU A 122 -3.76 7.27 6.86
N VAL A 123 -5.09 7.28 7.10
CA VAL A 123 -5.67 8.23 8.01
C VAL A 123 -4.95 8.08 9.37
N ALA A 124 -4.70 6.84 9.80
CA ALA A 124 -4.10 6.58 11.08
C ALA A 124 -2.62 6.86 11.08
N ASP A 125 -1.89 6.46 10.03
CA ASP A 125 -0.50 6.81 9.86
C ASP A 125 -0.17 8.32 9.86
N ASP A 126 -0.99 9.08 9.21
CA ASP A 126 -0.79 10.50 9.13
C ASP A 126 -0.96 11.10 10.48
N ILE A 127 -1.91 10.61 11.26
CA ILE A 127 -1.96 11.03 12.67
C ILE A 127 -0.68 10.65 13.44
N MET A 128 -0.26 9.37 13.39
CA MET A 128 0.99 8.97 14.06
C MET A 128 2.29 9.67 13.67
N ASP A 129 2.40 10.06 12.40
CA ASP A 129 3.54 10.79 11.79
C ASP A 129 3.46 12.25 11.96
N SER A 130 2.34 12.75 12.46
CA SER A 130 2.11 14.20 12.41
C SER A 130 2.27 14.77 11.00
N SER A 131 1.84 14.04 9.99
CA SER A 131 1.87 14.62 8.66
C SER A 131 0.92 15.79 8.49
N LEU A 132 1.25 16.61 7.52
CA LEU A 132 0.46 17.81 7.23
C LEU A 132 -0.51 17.57 6.09
N THR A 133 0.01 17.04 4.99
CA THR A 133 -0.79 16.83 3.79
C THR A 133 -0.67 15.40 3.27
N ARG A 134 -1.64 15.02 2.48
CA ARG A 134 -1.65 13.73 1.86
C ARG A 134 -2.29 13.92 0.48
N ARG A 135 -1.49 13.68 -0.56
CA ARG A 135 -1.85 13.98 -1.95
C ARG A 135 -1.98 15.46 -2.10
N GLY A 136 -1.07 16.23 -1.50
CA GLY A 136 -1.16 17.68 -1.47
C GLY A 136 -2.47 18.27 -0.90
N GLN A 137 -3.28 17.46 -0.25
CA GLN A 137 -4.46 17.94 0.42
C GLN A 137 -4.23 17.80 1.89
N ILE A 138 -4.93 18.60 2.67
CA ILE A 138 -4.78 18.60 4.12
C ILE A 138 -5.13 17.21 4.65
N CYS A 139 -4.28 16.60 5.49
CA CYS A 139 -4.71 15.34 6.11
C CYS A 139 -6.01 15.53 6.88
N TRP A 140 -6.82 14.49 6.89
CA TRP A 140 -8.17 14.52 7.44
C TRP A 140 -8.06 14.94 8.94
N TYR A 141 -7.09 14.40 9.70
CA TYR A 141 -7.02 14.77 11.10
C TYR A 141 -6.66 16.24 11.34
N GLN A 142 -6.06 16.92 10.36
CA GLN A 142 -5.73 18.36 10.49
C GLN A 142 -6.86 19.25 10.07
N LYS A 143 -7.95 18.68 9.57
CA LYS A 143 -9.07 19.56 9.21
C LYS A 143 -9.67 20.08 10.50
N PRO A 144 -10.17 21.34 10.47
CA PRO A 144 -10.82 21.97 11.63
C PRO A 144 -11.96 21.15 12.17
N GLY A 145 -12.01 20.88 13.45
CA GLY A 145 -13.10 20.05 13.99
C GLY A 145 -12.86 18.55 13.97
N VAL A 146 -11.78 18.06 13.37
CA VAL A 146 -11.54 16.60 13.27
C VAL A 146 -10.57 16.24 14.36
N GLY A 147 -9.33 16.68 14.25
CA GLY A 147 -8.30 16.28 15.22
C GLY A 147 -8.31 14.75 15.46
N LEU A 148 -8.21 14.39 16.71
CA LEU A 148 -8.00 13.01 17.08
C LEU A 148 -9.28 12.17 16.98
N ASP A 149 -10.42 12.80 16.76
CA ASP A 149 -11.62 12.04 16.35
C ASP A 149 -11.31 11.19 15.12
N ALA A 150 -10.33 11.59 14.33
CA ALA A 150 -9.92 10.78 13.17
C ALA A 150 -9.51 9.44 13.51
N ILE A 151 -9.22 9.19 14.79
CA ILE A 151 -8.94 7.82 15.16
C ILE A 151 -10.18 6.92 15.03
N ASN A 152 -11.33 7.38 15.54
CA ASN A 152 -12.55 6.64 15.33
C ASN A 152 -12.91 6.57 13.82
N ASP A 153 -12.73 7.68 13.09
CA ASP A 153 -13.05 7.70 11.64
C ASP A 153 -12.29 6.62 10.95
N ALA A 154 -11.03 6.51 11.31
CA ALA A 154 -10.16 5.48 10.70
C ALA A 154 -10.71 4.09 10.97
N ASN A 155 -10.99 3.81 12.24
CA ASN A 155 -11.58 2.56 12.59
C ASN A 155 -12.88 2.29 11.85
N LEU A 156 -13.70 3.32 11.65
CA LEU A 156 -14.91 3.18 10.80
C LEU A 156 -14.63 2.78 9.33
N LEU A 157 -13.61 3.34 8.73
CA LEU A 157 -13.17 2.87 7.41
C LEU A 157 -12.86 1.39 7.38
N GLU A 158 -12.21 0.94 8.43
CA GLU A 158 -11.90 -0.47 8.52
C GLU A 158 -13.20 -1.30 8.67
N ALA A 159 -14.12 -0.85 9.51
CA ALA A 159 -15.38 -1.56 9.69
C ALA A 159 -16.25 -1.63 8.38
N CYS A 160 -16.11 -0.66 7.50
CA CYS A 160 -16.86 -0.65 6.27
C CYS A 160 -16.47 -1.81 5.41
N ILE A 161 -15.22 -2.25 5.52
CA ILE A 161 -14.79 -3.34 4.74
C ILE A 161 -15.71 -4.52 4.97
N TYR A 162 -16.01 -4.81 6.25
CA TYR A 162 -16.69 -6.08 6.61
C TYR A 162 -18.15 -5.95 6.45
N ARG A 163 -18.66 -4.74 6.63
CA ARG A 163 -20.03 -4.44 6.20
C ARG A 163 -20.22 -4.76 4.69
N LEU A 164 -19.37 -4.21 3.82
CA LEU A 164 -19.52 -4.50 2.37
C LEU A 164 -19.38 -5.96 2.02
N LEU A 165 -18.42 -6.64 2.63
CA LEU A 165 -18.28 -8.10 2.37
C LEU A 165 -19.55 -8.84 2.72
N LYS A 166 -20.14 -8.50 3.85
CA LYS A 166 -21.36 -9.16 4.24
C LYS A 166 -22.49 -8.82 3.28
N LEU A 167 -22.65 -7.52 2.94
CA LEU A 167 -23.68 -7.09 1.99
C LEU A 167 -23.54 -7.71 0.61
N TYR A 168 -22.33 -7.89 0.13
CA TYR A 168 -22.18 -8.34 -1.24
C TYR A 168 -21.80 -9.78 -1.39
N CYS A 169 -21.13 -10.37 -0.41
CA CYS A 169 -20.48 -11.67 -0.60
C CYS A 169 -20.91 -12.74 0.38
N ARG A 170 -21.91 -12.41 1.18
CA ARG A 170 -22.32 -13.26 2.30
C ARG A 170 -22.70 -14.68 1.87
N GLU A 171 -23.24 -14.85 0.67
CA GLU A 171 -23.72 -16.17 0.23
C GLU A 171 -22.65 -16.94 -0.50
N GLN A 172 -21.54 -16.27 -0.80
CA GLN A 172 -20.54 -16.83 -1.68
C GLN A 172 -19.70 -17.83 -0.95
N PRO A 173 -19.18 -18.88 -1.64
CA PRO A 173 -18.32 -19.84 -0.96
C PRO A 173 -17.01 -19.26 -0.47
N TYR A 174 -16.55 -18.14 -1.03
CA TYR A 174 -15.30 -17.51 -0.65
C TYR A 174 -15.45 -16.49 0.48
N TYR A 175 -16.66 -16.30 0.99
CA TYR A 175 -16.89 -15.31 2.03
C TYR A 175 -15.87 -15.32 3.18
N LEU A 176 -15.78 -16.43 3.89
CA LEU A 176 -14.93 -16.53 5.05
C LEU A 176 -13.50 -16.34 4.62
N ASN A 177 -13.13 -16.95 3.51
CA ASN A 177 -11.79 -16.73 2.97
C ASN A 177 -11.36 -15.27 2.84
N LEU A 178 -12.25 -14.44 2.32
CA LEU A 178 -11.98 -13.00 2.19
C LEU A 178 -11.97 -12.27 3.53
N ILE A 179 -12.88 -12.63 4.43
CA ILE A 179 -12.83 -12.04 5.76
C ILE A 179 -11.46 -12.26 6.37
N GLU A 180 -10.98 -13.51 6.38
CA GLU A 180 -9.71 -13.87 6.98
C GLU A 180 -8.51 -13.21 6.33
N LEU A 181 -8.60 -13.03 5.02
CA LEU A 181 -7.56 -12.40 4.24
C LEU A 181 -7.41 -10.90 4.55
N PHE A 182 -8.52 -10.21 4.70
CA PHE A 182 -8.45 -8.84 5.07
C PHE A 182 -7.98 -8.64 6.53
N LEU A 183 -8.50 -9.45 7.47
CA LEU A 183 -8.02 -9.43 8.87
C LEU A 183 -6.54 -9.79 8.90
N GLN A 184 -6.12 -10.78 8.16
CA GLN A 184 -4.67 -11.04 8.16
C GLN A 184 -3.90 -9.86 7.55
N SER A 185 -4.51 -9.17 6.57
CA SER A 185 -3.86 -8.04 5.90
C SER A 185 -3.69 -6.87 6.86
N SER A 186 -4.67 -6.65 7.70
CA SER A 186 -4.56 -5.66 8.73
C SER A 186 -3.49 -5.97 9.75
N TYR A 187 -3.56 -7.16 10.26
CA TYR A 187 -2.59 -7.58 11.23
C TYR A 187 -1.13 -7.45 10.72
N GLN A 188 -0.83 -8.00 9.56
CA GLN A 188 0.52 -7.87 8.98
C GLN A 188 0.97 -6.45 8.87
N THR A 189 0.04 -5.59 8.46
CA THR A 189 0.41 -4.22 8.24
C THR A 189 0.68 -3.60 9.59
N GLU A 190 -0.19 -3.87 10.57
CA GLU A 190 -0.08 -3.24 11.87
C GLU A 190 1.22 -3.71 12.54
N ILE A 191 1.50 -4.97 12.42
CA ILE A 191 2.84 -5.48 12.85
C ILE A 191 4.01 -4.79 12.17
N GLY A 192 3.88 -4.55 10.89
CA GLY A 192 4.96 -3.88 10.22
C GLY A 192 5.02 -2.44 10.65
N GLN A 193 3.88 -1.82 10.89
CA GLN A 193 3.93 -0.49 11.46
C GLN A 193 4.66 -0.46 12.83
N THR A 194 4.44 -1.44 13.70
CA THR A 194 5.13 -1.43 15.03
C THR A 194 6.65 -1.53 14.78
N LEU A 195 6.97 -2.38 13.84
CA LEU A 195 8.36 -2.61 13.56
C LEU A 195 8.95 -1.29 13.05
N ASP A 196 8.24 -0.61 12.17
CA ASP A 196 8.75 0.66 11.66
C ASP A 196 8.99 1.63 12.77
N LEU A 197 7.92 1.91 13.52
CA LEU A 197 7.96 2.74 14.75
C LEU A 197 9.03 2.43 15.76
N LEU A 198 9.29 1.16 16.04
CA LEU A 198 10.43 0.77 16.89
C LEU A 198 11.79 1.10 16.27
N THR A 199 11.84 1.03 14.94
CA THR A 199 13.13 1.04 14.23
C THR A 199 13.56 2.48 14.01
N ALA A 200 12.59 3.35 13.79
CA ALA A 200 12.86 4.73 13.49
C ALA A 200 12.06 5.67 14.37
N PRO A 201 12.25 5.63 15.70
CA PRO A 201 11.57 6.70 16.48
C PRO A 201 11.81 8.14 15.93
N GLN A 202 10.97 9.09 16.34
CA GLN A 202 11.21 10.50 16.05
C GLN A 202 11.91 11.03 17.27
N GLY A 203 13.02 11.73 17.07
CA GLY A 203 13.83 12.25 18.18
C GLY A 203 14.92 11.28 18.59
N ASN A 204 15.24 10.35 17.68
CA ASN A 204 16.25 9.31 17.91
C ASN A 204 16.98 8.84 16.63
N VAL A 205 18.15 9.46 16.37
CA VAL A 205 19.14 8.90 15.43
C VAL A 205 19.73 7.66 16.10
N ASP A 206 19.52 6.51 15.47
CA ASP A 206 20.19 5.29 15.88
C ASP A 206 20.25 4.33 14.69
N LEU A 207 21.36 4.43 14.00
CA LEU A 207 21.58 3.81 12.71
C LEU A 207 21.91 2.33 12.90
N VAL A 208 22.24 1.98 14.14
CA VAL A 208 22.44 0.58 14.54
C VAL A 208 21.17 -0.28 14.24
N ARG A 209 20.00 0.35 14.27
CA ARG A 209 18.77 -0.37 13.93
C ARG A 209 18.56 -0.64 12.45
N PHE A 210 19.26 0.16 11.61
CA PHE A 210 18.98 0.25 10.17
C PHE A 210 19.72 -0.81 9.40
N THR A 211 19.35 -2.04 9.59
CA THR A 211 20.00 -3.12 8.88
C THR A 211 19.18 -3.56 7.69
N GLU A 212 19.85 -4.29 6.82
CA GLU A 212 19.20 -4.85 5.67
C GLU A 212 18.06 -5.76 6.11
N LYS A 213 18.26 -6.67 7.06
CA LYS A 213 17.20 -7.66 7.42
C LYS A 213 15.94 -6.94 7.94
N ARG A 214 16.17 -5.91 8.77
CA ARG A 214 15.10 -5.10 9.36
C ARG A 214 14.36 -4.31 8.29
N TYR A 215 15.10 -3.72 7.36
CA TYR A 215 14.44 -3.04 6.23
C TYR A 215 13.50 -3.96 5.45
N LYS A 216 13.97 -5.17 5.11
CA LYS A 216 13.14 -6.08 4.29
C LYS A 216 11.93 -6.49 5.06
N SER A 217 12.15 -6.72 6.34
CA SER A 217 11.09 -7.04 7.22
C SER A 217 9.97 -6.03 7.30
N ILE A 218 10.34 -4.77 7.46
CA ILE A 218 9.37 -3.72 7.61
C ILE A 218 8.56 -3.62 6.30
N VAL A 219 9.27 -3.72 5.19
CA VAL A 219 8.64 -3.54 3.87
C VAL A 219 7.58 -4.65 3.62
N LYS A 220 8.00 -5.88 3.86
CA LYS A 220 7.17 -7.05 3.69
C LYS A 220 5.90 -7.02 4.54
N TYR A 221 6.04 -6.73 5.83
CA TYR A 221 4.88 -6.70 6.68
C TYR A 221 4.01 -5.41 6.46
N LYS A 222 4.66 -4.23 6.46
CA LYS A 222 3.97 -2.94 6.42
C LYS A 222 3.29 -2.54 5.10
N THR A 223 3.82 -2.97 3.93
CA THR A 223 3.31 -2.54 2.65
C THR A 223 3.17 -3.65 1.62
N ALA A 224 4.05 -4.62 1.56
CA ALA A 224 3.92 -5.59 0.43
C ALA A 224 2.75 -6.56 0.58
N PHE A 225 2.48 -7.01 1.79
CA PHE A 225 1.41 -7.95 1.92
C PHE A 225 0.11 -7.25 1.44
N TYR A 226 -0.24 -6.09 1.97
CA TYR A 226 -1.54 -5.52 1.60
C TYR A 226 -1.57 -4.92 0.21
N SER A 227 -0.43 -4.45 -0.28
CA SER A 227 -0.37 -3.70 -1.54
C SER A 227 -0.34 -4.66 -2.69
N PHE A 228 0.36 -5.78 -2.53
CA PHE A 228 0.55 -6.72 -3.62
C PHE A 228 -0.07 -8.12 -3.44
N TYR A 229 0.10 -8.75 -2.28
CA TYR A 229 -0.48 -10.07 -2.10
C TYR A 229 -2.02 -9.94 -2.03
N LEU A 230 -2.46 -9.11 -1.12
CA LEU A 230 -3.87 -8.94 -0.87
C LEU A 230 -4.71 -8.86 -2.15
N PRO A 231 -4.40 -7.94 -3.08
CA PRO A 231 -5.45 -7.84 -4.14
C PRO A 231 -5.53 -9.00 -5.12
N ILE A 232 -4.39 -9.62 -5.44
CA ILE A 232 -4.36 -10.80 -6.27
C ILE A 232 -5.01 -11.95 -5.49
N ALA A 233 -4.68 -12.10 -4.20
CA ALA A 233 -5.25 -13.22 -3.39
C ALA A 233 -6.75 -13.12 -3.36
N ALA A 234 -7.24 -11.90 -3.27
CA ALA A 234 -8.66 -11.70 -3.15
C ALA A 234 -9.30 -12.18 -4.45
N ALA A 235 -8.77 -11.79 -5.60
CA ALA A 235 -9.36 -12.24 -6.87
C ALA A 235 -9.22 -13.76 -7.03
N MET A 236 -8.11 -14.32 -6.55
CA MET A 236 -7.95 -15.74 -6.60
C MET A 236 -9.11 -16.45 -5.86
N TYR A 237 -9.49 -15.98 -4.67
CA TYR A 237 -10.59 -16.64 -3.91
C TYR A 237 -11.91 -16.46 -4.56
N MET A 238 -12.09 -15.30 -5.18
CA MET A 238 -13.31 -15.00 -5.89
C MET A 238 -13.43 -15.90 -7.11
N ALA A 239 -12.27 -16.34 -7.59
CA ALA A 239 -12.24 -17.23 -8.73
C ALA A 239 -12.32 -18.71 -8.33
N GLY A 240 -12.48 -19.02 -7.05
CA GLY A 240 -12.45 -20.42 -6.62
C GLY A 240 -11.03 -20.94 -6.45
N ILE A 241 -10.01 -20.08 -6.60
CA ILE A 241 -8.62 -20.58 -6.44
C ILE A 241 -8.25 -20.33 -5.01
N ASP A 242 -8.27 -21.40 -4.22
CA ASP A 242 -8.27 -21.28 -2.79
C ASP A 242 -7.27 -22.21 -2.15
N GLY A 243 -6.55 -22.99 -2.95
CA GLY A 243 -5.53 -23.91 -2.44
C GLY A 243 -4.41 -23.13 -1.77
N GLU A 244 -3.82 -23.74 -0.74
CA GLU A 244 -2.78 -23.13 0.09
C GLU A 244 -1.52 -22.99 -0.75
N LYS A 245 -1.26 -23.99 -1.59
CA LYS A 245 -0.05 -24.00 -2.42
C LYS A 245 -0.12 -22.92 -3.49
N GLU A 246 -1.25 -22.81 -4.16
CA GLU A 246 -1.40 -21.75 -5.15
C GLU A 246 -1.17 -20.36 -4.51
N HIS A 247 -1.66 -20.18 -3.30
CA HIS A 247 -1.55 -18.89 -2.64
C HIS A 247 -0.15 -18.67 -2.19
N ALA A 248 0.50 -19.71 -1.69
CA ALA A 248 1.90 -19.58 -1.26
C ALA A 248 2.78 -19.18 -2.44
N ASN A 249 2.47 -19.73 -3.61
CA ASN A 249 3.24 -19.48 -4.84
C ASN A 249 3.06 -18.06 -5.35
N ALA A 250 1.81 -17.63 -5.49
CA ALA A 250 1.53 -16.24 -5.81
C ALA A 250 2.20 -15.28 -4.77
N LYS A 251 2.13 -15.62 -3.49
CA LYS A 251 2.69 -14.75 -2.46
C LYS A 251 4.22 -14.56 -2.67
N LYS A 252 4.91 -15.62 -3.05
CA LYS A 252 6.34 -15.51 -3.25
C LYS A 252 6.67 -14.47 -4.32
N ILE A 253 5.97 -14.54 -5.42
CA ILE A 253 6.18 -13.57 -6.46
C ILE A 253 5.82 -12.17 -5.97
N LEU A 254 4.66 -12.03 -5.32
CA LEU A 254 4.08 -10.70 -5.08
C LEU A 254 4.75 -9.91 -3.91
N LEU A 255 5.25 -10.62 -2.91
CA LEU A 255 6.02 -9.99 -1.84
C LEU A 255 7.33 -9.54 -2.42
N GLU A 256 7.94 -10.35 -3.30
CA GLU A 256 9.10 -9.85 -4.05
C GLU A 256 8.90 -8.55 -4.86
N MET A 257 7.78 -8.45 -5.56
CA MET A 257 7.41 -7.20 -6.25
C MET A 257 7.16 -6.06 -5.28
N GLY A 258 6.56 -6.37 -4.16
CA GLY A 258 6.30 -5.31 -3.19
C GLY A 258 7.59 -4.76 -2.64
N GLU A 259 8.57 -5.64 -2.38
CA GLU A 259 9.89 -5.21 -1.97
C GLU A 259 10.51 -4.27 -2.94
N PHE A 260 10.51 -4.65 -4.21
CA PHE A 260 11.07 -3.76 -5.25
C PHE A 260 10.29 -2.41 -5.27
N PHE A 261 8.98 -2.46 -5.26
CA PHE A 261 8.18 -1.24 -5.40
C PHE A 261 8.59 -0.21 -4.34
N GLN A 262 8.77 -0.68 -3.13
CA GLN A 262 9.12 0.19 -2.01
C GLN A 262 10.57 0.72 -2.14
N ILE A 263 11.47 -0.14 -2.58
CA ILE A 263 12.85 0.31 -2.78
C ILE A 263 12.94 1.38 -3.84
N GLN A 264 12.15 1.22 -4.89
CA GLN A 264 12.03 2.26 -5.88
C GLN A 264 11.37 3.50 -5.28
N ASP A 265 10.43 3.31 -4.39
CA ASP A 265 9.82 4.48 -3.72
C ASP A 265 10.87 5.32 -2.94
N ASP A 266 11.74 4.63 -2.19
CA ASP A 266 12.82 5.26 -1.44
C ASP A 266 13.83 5.93 -2.38
N TYR A 267 14.25 5.26 -3.46
CA TYR A 267 15.13 5.91 -4.45
C TYR A 267 14.51 7.20 -5.01
N LEU A 268 13.26 7.14 -5.45
CA LEU A 268 12.64 8.30 -6.08
C LEU A 268 12.47 9.47 -5.12
N ASP A 269 11.93 9.22 -3.94
CA ASP A 269 11.90 10.20 -2.84
C ASP A 269 13.02 11.28 -2.95
N LEU A 270 14.27 10.84 -3.10
CA LEU A 270 15.45 11.72 -3.20
C LEU A 270 15.94 12.05 -4.63
N PHE A 271 15.81 11.12 -5.58
CA PHE A 271 16.36 11.30 -6.93
C PHE A 271 15.33 11.39 -8.03
N GLY A 272 14.10 11.07 -7.72
CA GLY A 272 13.03 11.19 -8.68
C GLY A 272 12.95 12.63 -9.05
N ASP A 273 12.83 12.91 -10.33
CA ASP A 273 12.58 14.25 -10.74
C ASP A 273 11.21 14.58 -10.15
N PRO A 274 11.12 15.68 -9.37
CA PRO A 274 9.88 15.87 -8.59
C PRO A 274 8.64 16.35 -9.37
N SER A 275 8.82 16.75 -10.63
CA SER A 275 7.69 17.00 -11.52
C SER A 275 7.14 15.68 -12.08
N VAL A 276 7.98 14.65 -12.10
CA VAL A 276 7.55 13.31 -12.50
C VAL A 276 6.82 12.62 -11.32
N THR A 277 6.98 13.14 -10.09
CA THR A 277 6.24 12.62 -8.91
C THR A 277 5.17 13.59 -8.37
N GLY A 278 5.52 14.86 -8.23
CA GLY A 278 4.68 15.83 -7.53
C GLY A 278 5.14 15.99 -6.09
N LYS A 279 5.40 14.85 -5.42
CA LYS A 279 5.98 14.83 -4.07
C LYS A 279 7.42 15.37 -4.04
N ILE A 280 7.95 15.56 -2.83
CA ILE A 280 9.34 15.96 -2.62
C ILE A 280 9.81 15.30 -1.32
N GLY A 281 10.89 14.54 -1.44
CA GLY A 281 11.23 13.55 -0.44
C GLY A 281 11.75 14.10 0.86
N THR A 282 11.08 13.74 1.95
CA THR A 282 11.55 14.12 3.26
C THR A 282 12.03 12.89 4.02
N ASP A 283 12.29 11.80 3.31
CA ASP A 283 12.83 10.61 3.96
C ASP A 283 14.00 10.91 4.93
N ILE A 284 15.02 11.59 4.45
CA ILE A 284 16.22 11.80 5.26
C ILE A 284 15.91 12.64 6.52
N GLN A 285 15.21 13.78 6.35
CA GLN A 285 14.78 14.60 7.51
C GLN A 285 14.06 13.77 8.58
N ASP A 286 13.22 12.85 8.14
CA ASP A 286 12.38 12.07 9.03
C ASP A 286 13.05 10.85 9.71
N ASN A 287 14.37 10.67 9.58
CA ASN A 287 15.06 9.50 10.14
C ASN A 287 14.43 8.19 9.61
N LYS A 288 13.94 8.18 8.36
CA LYS A 288 13.29 6.98 7.83
C LYS A 288 14.34 5.86 7.60
N CYS A 289 13.94 4.61 7.84
CA CYS A 289 14.75 3.45 7.45
C CYS A 289 14.55 3.29 5.97
N SER A 290 15.14 4.17 5.18
CA SER A 290 15.12 4.07 3.71
C SER A 290 16.10 3.02 3.17
N TRP A 291 15.87 2.55 1.94
CA TRP A 291 16.80 1.61 1.31
C TRP A 291 18.12 2.29 1.14
N LEU A 292 18.09 3.57 0.82
CA LEU A 292 19.32 4.36 0.66
C LEU A 292 20.22 4.39 1.93
N VAL A 293 19.70 4.81 3.07
CA VAL A 293 20.55 4.87 4.26
C VAL A 293 21.11 3.47 4.62
N VAL A 294 20.38 2.40 4.24
CA VAL A 294 20.84 1.02 4.52
C VAL A 294 22.07 0.64 3.71
N GLN A 295 22.01 0.96 2.42
CA GLN A 295 23.08 0.70 1.50
C GLN A 295 24.23 1.58 1.87
N CYS A 296 23.93 2.86 2.07
CA CYS A 296 24.93 3.79 2.56
C CYS A 296 25.75 3.20 3.72
N LEU A 297 25.08 2.63 4.72
CA LEU A 297 25.72 2.18 5.97
C LEU A 297 26.64 0.98 5.81
N GLN A 298 26.19 0.04 4.98
CA GLN A 298 27.01 -1.12 4.66
C GLN A 298 28.16 -0.75 3.69
N ARG A 299 28.11 0.45 3.11
CA ARG A 299 29.13 1.01 2.21
C ARG A 299 29.75 2.28 2.81
N ALA A 300 30.49 2.15 3.89
CA ALA A 300 30.98 3.36 4.56
C ALA A 300 32.04 3.09 5.61
N THR A 301 33.22 3.64 5.34
CA THR A 301 34.28 3.76 6.31
C THR A 301 33.77 4.60 7.48
N PRO A 302 34.48 4.57 8.62
CA PRO A 302 33.93 5.21 9.84
C PRO A 302 33.78 6.75 9.78
N GLU A 303 34.53 7.40 8.88
CA GLU A 303 34.44 8.85 8.69
C GLU A 303 33.11 9.19 8.00
N GLN A 304 32.67 8.31 7.10
CA GLN A 304 31.39 8.44 6.40
C GLN A 304 30.20 8.33 7.40
N TYR A 305 30.22 7.27 8.21
CA TYR A 305 29.29 7.08 9.34
C TYR A 305 29.02 8.42 10.04
N GLN A 306 30.09 9.06 10.53
CA GLN A 306 29.98 10.33 11.25
C GLN A 306 29.18 11.40 10.53
N ILE A 307 29.48 11.63 9.24
CA ILE A 307 28.80 12.68 8.47
C ILE A 307 27.33 12.38 8.38
N LEU A 308 27.00 11.10 8.34
CA LEU A 308 25.62 10.65 8.30
C LEU A 308 24.99 10.71 9.68
N LYS A 309 25.69 10.15 10.66
CA LYS A 309 25.30 10.19 12.07
C LYS A 309 25.01 11.64 12.52
N GLU A 310 25.68 12.62 11.90
CA GLU A 310 25.49 14.03 12.25
C GLU A 310 24.45 14.77 11.37
N ASN A 311 24.14 14.26 10.18
CA ASN A 311 23.24 14.96 9.26
C ASN A 311 21.91 14.25 8.99
N TYR A 312 21.81 12.99 9.40
CA TYR A 312 20.57 12.25 9.17
C TYR A 312 19.54 12.70 10.16
N GLY A 313 18.31 12.88 9.67
CA GLY A 313 17.18 13.10 10.53
C GLY A 313 17.11 14.53 10.99
N GLN A 314 17.66 15.48 10.24
CA GLN A 314 17.59 16.90 10.61
C GLN A 314 16.90 17.71 9.53
N LYS A 315 16.48 18.91 9.91
CA LYS A 315 15.50 19.69 9.15
C LYS A 315 16.11 20.60 8.07
N GLU A 316 17.27 21.21 8.32
CA GLU A 316 17.77 22.30 7.45
C GLU A 316 18.34 21.77 6.14
N ALA A 317 18.10 22.53 5.07
CA ALA A 317 18.47 22.19 3.69
C ALA A 317 19.88 21.65 3.51
N GLU A 318 20.87 22.44 3.98
CA GLU A 318 22.30 22.13 3.78
C GLU A 318 22.75 20.84 4.47
N LYS A 319 22.12 20.51 5.60
CA LYS A 319 22.43 19.25 6.29
C LYS A 319 21.72 18.07 5.58
N VAL A 320 20.70 18.39 4.79
CA VAL A 320 20.02 17.41 3.95
C VAL A 320 20.63 17.36 2.53
N ALA A 321 21.22 18.48 2.11
CA ALA A 321 22.02 18.52 0.88
C ALA A 321 23.29 17.69 1.02
N ARG A 322 23.86 17.68 2.23
CA ARG A 322 25.13 17.02 2.50
C ARG A 322 24.98 15.52 2.66
N VAL A 323 23.74 15.03 2.79
CA VAL A 323 23.47 13.59 2.82
C VAL A 323 23.21 13.12 1.39
N LYS A 324 22.35 13.84 0.67
CA LYS A 324 22.21 13.67 -0.77
C LYS A 324 23.58 13.71 -1.49
N ALA A 325 24.50 14.55 -1.02
CA ALA A 325 25.85 14.57 -1.55
C ALA A 325 26.64 13.29 -1.22
N LEU A 326 26.51 12.79 0.02
CA LEU A 326 27.20 11.54 0.40
C LEU A 326 26.64 10.31 -0.34
N TYR A 327 25.37 10.39 -0.72
CA TYR A 327 24.74 9.31 -1.47
C TYR A 327 25.25 9.36 -2.93
N GLU A 328 25.21 10.56 -3.54
CA GLU A 328 25.63 10.72 -4.92
C GLU A 328 27.07 10.30 -5.02
N GLU A 329 27.86 10.73 -4.04
CA GLU A 329 29.29 10.45 -3.96
C GLU A 329 29.54 8.94 -3.92
N LEU A 330 28.64 8.21 -3.28
CA LEU A 330 28.76 6.74 -3.19
C LEU A 330 28.15 5.97 -4.38
N ASP A 331 27.78 6.66 -5.47
CA ASP A 331 27.12 6.03 -6.65
C ASP A 331 25.97 5.14 -6.22
N LEU A 332 25.15 5.62 -5.29
CA LEU A 332 23.97 4.87 -4.93
C LEU A 332 22.92 4.83 -6.07
N PRO A 333 22.84 5.90 -6.90
CA PRO A 333 22.01 5.87 -8.14
C PRO A 333 22.39 4.77 -9.11
N ALA A 334 23.69 4.58 -9.33
CA ALA A 334 24.20 3.44 -10.07
C ALA A 334 23.82 2.13 -9.35
N VAL A 335 24.07 2.08 -8.04
CA VAL A 335 23.71 0.88 -7.26
C VAL A 335 22.23 0.54 -7.46
N PHE A 336 21.39 1.56 -7.47
CA PHE A 336 19.97 1.32 -7.63
C PHE A 336 19.73 0.74 -9.01
N LEU A 337 20.26 1.40 -10.04
CA LEU A 337 19.99 0.95 -11.39
C LEU A 337 20.41 -0.54 -11.53
N GLN A 338 21.56 -0.89 -10.95
CA GLN A 338 22.06 -2.27 -10.84
C GLN A 338 21.08 -3.19 -10.11
N TYR A 339 20.55 -2.71 -8.98
CA TYR A 339 19.55 -3.47 -8.24
C TYR A 339 18.27 -3.61 -9.08
N GLU A 340 17.85 -2.57 -9.79
CA GLU A 340 16.59 -2.61 -10.58
C GLU A 340 16.69 -3.65 -11.71
N GLU A 341 17.85 -3.71 -12.36
CA GLU A 341 18.10 -4.71 -13.39
C GLU A 341 18.03 -6.13 -12.81
N ASP A 342 18.78 -6.39 -11.73
CA ASP A 342 18.84 -7.73 -11.13
C ASP A 342 17.48 -8.19 -10.68
N SER A 343 16.76 -7.25 -10.08
CA SER A 343 15.45 -7.44 -9.56
C SER A 343 14.46 -7.81 -10.62
N TYR A 344 14.56 -7.16 -11.76
CA TYR A 344 13.60 -7.42 -12.83
C TYR A 344 13.79 -8.87 -13.37
N SER A 345 15.03 -9.30 -13.57
CA SER A 345 15.21 -10.70 -14.01
C SER A 345 14.86 -11.67 -12.89
N HIS A 346 15.01 -11.27 -11.62
CA HIS A 346 14.64 -12.17 -10.52
C HIS A 346 13.14 -12.40 -10.49
N ILE A 347 12.40 -11.32 -10.72
CA ILE A 347 10.95 -11.41 -10.73
C ILE A 347 10.46 -12.26 -11.88
N MET A 348 11.11 -12.16 -13.03
CA MET A 348 10.65 -12.83 -14.23
C MET A 348 10.89 -14.33 -14.06
N ALA A 349 12.03 -14.72 -13.50
CA ALA A 349 12.32 -16.10 -13.11
C ALA A 349 11.31 -16.61 -12.06
N LEU A 350 10.88 -15.74 -11.18
CA LEU A 350 9.89 -16.15 -10.19
C LEU A 350 8.53 -16.39 -10.84
N ILE A 351 8.15 -15.52 -11.76
CA ILE A 351 6.95 -15.73 -12.54
C ILE A 351 7.03 -17.10 -13.31
N GLU A 352 8.09 -17.28 -14.08
CA GLU A 352 8.32 -18.54 -14.80
C GLU A 352 8.08 -19.71 -13.87
N GLN A 353 8.75 -19.68 -12.73
CA GLN A 353 8.74 -20.77 -11.78
C GLN A 353 7.48 -20.96 -10.95
N TYR A 354 6.74 -19.89 -10.59
CA TYR A 354 5.66 -19.98 -9.57
C TYR A 354 4.24 -19.47 -10.02
N ALA A 355 4.09 -19.05 -11.26
CA ALA A 355 2.87 -18.43 -11.72
C ALA A 355 1.83 -19.46 -12.03
N ALA A 356 2.21 -20.48 -12.82
CA ALA A 356 1.36 -21.62 -13.16
C ALA A 356 0.69 -22.26 -11.93
N PRO A 357 -0.63 -22.53 -12.03
CA PRO A 357 -1.46 -22.49 -13.22
C PRO A 357 -2.24 -21.18 -13.37
N LEU A 358 -1.80 -20.09 -12.77
CA LEU A 358 -2.41 -18.81 -13.08
C LEU A 358 -1.80 -18.29 -14.38
N PRO A 359 -2.57 -17.51 -15.16
CA PRO A 359 -1.98 -17.04 -16.43
C PRO A 359 -0.84 -16.05 -16.08
N PRO A 360 0.34 -16.26 -16.64
CA PRO A 360 1.42 -15.39 -16.25
C PRO A 360 1.10 -13.88 -16.33
N ALA A 361 0.18 -13.49 -17.17
CA ALA A 361 -0.19 -12.13 -17.37
C ALA A 361 -0.70 -11.44 -16.11
N VAL A 362 -1.19 -12.22 -15.15
CA VAL A 362 -1.65 -11.66 -13.88
C VAL A 362 -0.52 -10.93 -13.19
N PHE A 363 0.65 -11.54 -13.25
CA PHE A 363 1.85 -11.04 -12.65
C PHE A 363 2.59 -10.10 -13.59
N LEU A 364 2.52 -10.36 -14.87
CA LEU A 364 3.20 -9.49 -15.83
C LEU A 364 2.57 -8.09 -15.94
N GLY A 365 1.26 -7.98 -15.91
CA GLY A 365 0.62 -6.67 -15.83
C GLY A 365 1.13 -5.82 -14.64
N LEU A 366 1.31 -6.44 -13.50
CA LEU A 366 1.80 -5.71 -12.35
C LEU A 366 3.26 -5.33 -12.53
N ALA A 367 4.07 -6.30 -12.97
CA ALA A 367 5.44 -6.00 -13.24
C ALA A 367 5.59 -4.81 -14.20
N ARG A 368 4.66 -4.65 -15.13
CA ARG A 368 4.75 -3.60 -16.11
C ARG A 368 4.45 -2.23 -15.49
N LYS A 369 3.46 -2.14 -14.62
CA LYS A 369 3.16 -0.93 -13.91
C LYS A 369 4.35 -0.51 -13.03
N ILE A 370 4.94 -1.45 -12.33
CA ILE A 370 6.01 -1.08 -11.42
C ILE A 370 7.45 -0.93 -12.00
N TYR A 371 7.71 -1.32 -13.23
CA TYR A 371 9.07 -1.14 -13.81
C TYR A 371 9.10 -0.19 -15.01
#